data_8CK6
#
_entry.id   8CK6
#
_cell.length_a   101.700
_cell.length_b   101.700
_cell.length_c   128.080
_cell.angle_alpha   90.00
_cell.angle_beta   90.00
_cell.angle_gamma   120.00
#
_symmetry.space_group_name_H-M   'P 65'
#
loop_
_entity.id
_entity.type
_entity.pdbx_description
1 polymer 'cytokinin dehydrogenase'
2 non-polymer 1,2-ETHANEDIOL
3 non-polymer GLYCEROL
4 non-polymer 'FLAVIN-ADENINE DINUCLEOTIDE'
5 non-polymer 2-[[3,5-bis(chloranyl)phenyl]carbamoylamino]-4-methoxy-benzamide
6 water water
#
_entity_poly.entity_id   1
_entity_poly.type   'polypeptide(L)'
_entity_poly.pdbx_seq_one_letter_code
;MARRTRFVAVAALLASFLSVAAGHPRPLPAAGLPGDLFGLGIASRIRTDSNSTAKAATDFGQMVRAAPEAVFHPATPADI
AALVRFSATSAAPFPVAPRGQGHSWRGQALAPGGVVVDMGSLGRGPRINVSAATGAEPFVDAGGEQLWVDVLRATLRHGL
APRVWTDYLRLTVGGTLSNAGIGGQAFRHGPQIANVHELDVVTGTGEMVTCSMDVNSDLFMAALGGLGQFGVITRARIRL
EPAPKRVRWVRLAYTDVATFTKDQEFLISNRTSQVGFDYVEGQVQLNRSLVEGPKSTPFFSGADLARLAGLASRTGPTAI
YYIEGAMYYTEDTAISVDKKMKALLDQLSFEPGFPFTKDVTFVQFLDRVREEERVLRSAGAWEVPHPWLNLFVPRSRILD
FDDGVFKALLKDANPAGIILMYPMNKDRWDDRMTAMTPATDDDDNVFYAVSFLWSALSADDVPQLERWNKAVLDFCDRSG
IECKQYLPHYTSQDGWRRHFGAKWSRIAELKARYDPRALLSPGQRIFPVPVESSGIASA
;
_entity_poly.pdbx_strand_id   A
#
# COMPACT_ATOMS: atom_id res chain seq x y z
N GLY A 32 -6.79 -27.75 -19.69
CA GLY A 32 -7.16 -26.36 -19.91
C GLY A 32 -6.21 -25.61 -20.81
N LEU A 33 -4.94 -25.47 -20.38
CA LEU A 33 -3.88 -24.76 -21.12
C LEU A 33 -3.52 -25.44 -22.47
N PRO A 34 -2.98 -24.69 -23.48
CA PRO A 34 -2.64 -25.35 -24.77
C PRO A 34 -1.52 -26.37 -24.61
N GLY A 35 -1.65 -27.52 -25.27
CA GLY A 35 -0.67 -28.60 -25.22
C GLY A 35 0.75 -28.18 -25.53
N ASP A 36 0.94 -27.31 -26.54
CA ASP A 36 2.24 -26.80 -26.98
C ASP A 36 3.05 -26.06 -25.90
N LEU A 37 2.37 -25.51 -24.88
CA LEU A 37 2.99 -24.81 -23.74
C LEU A 37 3.99 -25.73 -23.01
N PHE A 38 3.64 -27.02 -22.90
CA PHE A 38 4.47 -28.01 -22.21
C PHE A 38 5.64 -28.55 -23.06
N GLY A 39 5.75 -28.09 -24.30
CA GLY A 39 6.85 -28.42 -25.20
C GLY A 39 7.91 -27.33 -25.24
N LEU A 40 7.62 -26.16 -24.62
CA LEU A 40 8.55 -25.02 -24.59
C LEU A 40 9.73 -25.28 -23.68
N GLY A 41 10.82 -24.54 -23.89
CA GLY A 41 11.99 -24.59 -23.01
C GLY A 41 11.66 -24.13 -21.58
N ILE A 42 10.68 -23.21 -21.43
CA ILE A 42 10.24 -22.70 -20.11
C ILE A 42 9.31 -23.69 -19.36
N ALA A 43 8.87 -24.79 -20.03
CA ALA A 43 7.98 -25.79 -19.41
C ALA A 43 8.60 -26.48 -18.17
N SER A 44 9.94 -26.45 -18.03
CA SER A 44 10.68 -26.97 -16.87
C SER A 44 10.32 -26.14 -15.59
N ARG A 45 9.89 -24.87 -15.78
CA ARG A 45 9.53 -23.95 -14.71
C ARG A 45 8.00 -23.88 -14.47
N ILE A 46 7.22 -24.74 -15.13
CA ILE A 46 5.77 -24.79 -14.95
C ILE A 46 5.41 -25.89 -13.92
N ARG A 47 4.78 -25.51 -12.79
CA ARG A 47 4.35 -26.44 -11.74
C ARG A 47 2.83 -26.60 -11.87
N THR A 48 2.36 -27.86 -12.01
CA THR A 48 0.93 -28.16 -12.19
C THR A 48 0.32 -29.02 -11.06
N ASP A 49 1.12 -29.41 -10.04
CA ASP A 49 0.64 -30.22 -8.92
C ASP A 49 -0.30 -29.39 -8.05
N SER A 50 -1.36 -30.04 -7.54
CA SER A 50 -2.38 -29.44 -6.69
C SER A 50 -1.78 -28.65 -5.54
N ASN A 51 -0.71 -29.16 -4.92
CA ASN A 51 0.00 -28.49 -3.82
C ASN A 51 0.62 -27.15 -4.23
N SER A 52 1.15 -27.06 -5.46
CA SER A 52 1.73 -25.83 -6.03
C SER A 52 0.64 -24.80 -6.39
N THR A 53 -0.43 -25.24 -7.10
CA THR A 53 -1.51 -24.37 -7.55
C THR A 53 -2.37 -23.83 -6.40
N ALA A 54 -2.54 -24.63 -5.32
CA ALA A 54 -3.31 -24.25 -4.14
C ALA A 54 -2.64 -23.06 -3.45
N LYS A 55 -1.30 -23.02 -3.46
CA LYS A 55 -0.52 -21.92 -2.87
C LYS A 55 -0.74 -20.57 -3.60
N ALA A 56 -1.38 -20.60 -4.80
CA ALA A 56 -1.67 -19.43 -5.64
C ALA A 56 -3.19 -19.29 -5.94
N ALA A 57 -4.04 -20.02 -5.20
CA ALA A 57 -5.50 -20.05 -5.34
C ALA A 57 -6.27 -19.02 -4.45
N THR A 58 -5.62 -18.50 -3.40
CA THR A 58 -6.23 -17.55 -2.45
C THR A 58 -5.27 -16.36 -2.22
N ASP A 59 -5.72 -15.32 -1.49
CA ASP A 59 -4.85 -14.19 -1.16
C ASP A 59 -5.02 -13.80 0.31
N PHE A 60 -4.42 -12.68 0.71
CA PHE A 60 -4.53 -12.16 2.08
C PHE A 60 -6.01 -11.90 2.54
N GLY A 61 -6.89 -11.61 1.58
CA GLY A 61 -8.30 -11.36 1.87
C GLY A 61 -9.04 -12.54 2.44
N GLN A 62 -8.66 -13.76 1.98
CA GLN A 62 -9.24 -15.06 2.39
C GLN A 62 -10.74 -15.12 2.11
N MET A 63 -11.18 -14.52 1.02
CA MET A 63 -12.60 -14.50 0.66
C MET A 63 -12.82 -15.05 -0.74
N VAL A 64 -11.87 -14.80 -1.67
CA VAL A 64 -11.93 -15.22 -3.09
C VAL A 64 -11.03 -16.44 -3.27
N ARG A 65 -11.59 -17.52 -3.82
CA ARG A 65 -10.81 -18.73 -4.10
C ARG A 65 -10.95 -19.09 -5.58
N ALA A 66 -9.82 -19.09 -6.32
CA ALA A 66 -9.78 -19.40 -7.75
C ALA A 66 -8.39 -19.91 -8.13
N ALA A 67 -8.22 -21.26 -8.09
CA ALA A 67 -6.95 -21.89 -8.42
C ALA A 67 -6.55 -21.69 -9.90
N PRO A 68 -5.27 -21.44 -10.21
CA PRO A 68 -4.89 -21.33 -11.62
C PRO A 68 -4.70 -22.73 -12.22
N GLU A 69 -4.52 -22.81 -13.54
CA GLU A 69 -4.23 -24.07 -14.22
C GLU A 69 -2.80 -24.49 -13.89
N ALA A 70 -1.91 -23.51 -13.67
CA ALA A 70 -0.50 -23.77 -13.35
C ALA A 70 0.11 -22.58 -12.67
N VAL A 71 1.24 -22.79 -12.00
CA VAL A 71 2.04 -21.73 -11.38
C VAL A 71 3.38 -21.79 -12.10
N PHE A 72 3.82 -20.63 -12.64
CA PHE A 72 5.07 -20.49 -13.35
C PHE A 72 6.08 -19.94 -12.38
N HIS A 73 7.26 -20.57 -12.36
CA HIS A 73 8.36 -20.20 -11.49
C HIS A 73 9.54 -19.74 -12.38
N PRO A 74 9.50 -18.50 -12.90
CA PRO A 74 10.57 -18.04 -13.79
C PRO A 74 11.92 -17.89 -13.11
N ALA A 75 12.99 -18.33 -13.80
CA ALA A 75 14.32 -18.16 -13.26
C ALA A 75 14.80 -16.75 -13.61
N THR A 76 14.26 -16.17 -14.68
CA THR A 76 14.69 -14.85 -15.16
C THR A 76 13.51 -14.03 -15.72
N PRO A 77 13.64 -12.69 -15.84
CA PRO A 77 12.58 -11.91 -16.52
C PRO A 77 12.33 -12.38 -17.98
N ALA A 78 13.37 -12.87 -18.71
CA ALA A 78 13.19 -13.40 -20.10
C ALA A 78 12.20 -14.59 -20.13
N ASP A 79 12.16 -15.42 -19.06
CA ASP A 79 11.19 -16.53 -18.94
C ASP A 79 9.77 -15.98 -18.87
N ILE A 80 9.56 -14.86 -18.15
CA ILE A 80 8.22 -14.21 -18.09
C ILE A 80 7.82 -13.74 -19.49
N ALA A 81 8.73 -13.04 -20.19
CA ALA A 81 8.50 -12.59 -21.59
C ALA A 81 8.11 -13.76 -22.50
N ALA A 82 8.81 -14.92 -22.38
CA ALA A 82 8.53 -16.12 -23.18
C ALA A 82 7.16 -16.68 -22.88
N LEU A 83 6.75 -16.70 -21.57
CA LEU A 83 5.39 -17.16 -21.22
C LEU A 83 4.33 -16.22 -21.80
N VAL A 84 4.51 -14.88 -21.61
CA VAL A 84 3.54 -13.88 -22.10
C VAL A 84 3.43 -13.94 -23.64
N ARG A 85 4.57 -14.03 -24.35
N ARG A 85 4.57 -14.02 -24.36
CA ARG A 85 4.66 -14.12 -25.81
CA ARG A 85 4.60 -14.10 -25.82
C ARG A 85 3.92 -15.34 -26.33
C ARG A 85 3.88 -15.35 -26.32
N PHE A 86 4.07 -16.50 -25.64
CA PHE A 86 3.39 -17.76 -26.01
C PHE A 86 1.88 -17.59 -25.91
N SER A 87 1.37 -17.08 -24.78
CA SER A 87 -0.06 -16.81 -24.62
C SER A 87 -0.56 -15.80 -25.66
N ALA A 88 0.18 -14.69 -25.86
CA ALA A 88 -0.21 -13.62 -26.78
C ALA A 88 -0.26 -14.04 -28.23
N THR A 89 0.54 -15.06 -28.63
CA THR A 89 0.56 -15.52 -30.02
C THR A 89 -0.26 -16.81 -30.22
N SER A 90 -0.79 -17.41 -29.14
CA SER A 90 -1.54 -18.68 -29.24
C SER A 90 -2.96 -18.52 -29.82
N ALA A 91 -3.55 -19.65 -30.24
CA ALA A 91 -4.91 -19.77 -30.78
C ALA A 91 -5.92 -19.61 -29.65
N ALA A 92 -5.52 -20.00 -28.43
CA ALA A 92 -6.32 -19.92 -27.21
C ALA A 92 -5.54 -19.13 -26.11
N PRO A 93 -5.50 -17.77 -26.21
CA PRO A 93 -4.77 -16.98 -25.19
C PRO A 93 -5.24 -17.23 -23.77
N PHE A 94 -4.31 -17.26 -22.82
CA PHE A 94 -4.66 -17.53 -21.44
C PHE A 94 -4.22 -16.42 -20.51
N PRO A 95 -4.99 -16.19 -19.40
CA PRO A 95 -4.56 -15.16 -18.43
C PRO A 95 -3.22 -15.45 -17.77
N VAL A 96 -2.48 -14.37 -17.50
CA VAL A 96 -1.18 -14.42 -16.85
C VAL A 96 -1.24 -13.38 -15.73
N ALA A 97 -1.07 -13.84 -14.48
CA ALA A 97 -1.11 -12.93 -13.34
C ALA A 97 0.13 -13.02 -12.49
N PRO A 98 0.97 -11.96 -12.42
CA PRO A 98 2.11 -12.04 -11.50
C PRO A 98 1.59 -12.04 -10.06
N ARG A 99 2.26 -12.74 -9.18
CA ARG A 99 1.90 -12.80 -7.77
C ARG A 99 3.14 -12.46 -7.00
N GLY A 100 3.05 -11.38 -6.22
CA GLY A 100 4.10 -10.95 -5.33
C GLY A 100 3.96 -11.74 -4.04
N GLN A 101 3.49 -11.08 -2.99
CA GLN A 101 3.26 -11.70 -1.69
C GLN A 101 1.78 -12.07 -1.49
N GLY A 102 0.95 -11.77 -2.49
CA GLY A 102 -0.49 -12.02 -2.40
C GLY A 102 -1.16 -11.17 -1.32
N HIS A 103 -0.57 -9.98 -1.05
CA HIS A 103 -1.12 -9.04 -0.08
C HIS A 103 -2.20 -8.12 -0.66
N SER A 104 -3.09 -8.70 -1.44
CA SER A 104 -4.25 -8.07 -2.04
C SER A 104 -5.41 -8.89 -1.48
N TRP A 105 -6.62 -8.34 -1.48
CA TRP A 105 -7.73 -9.02 -0.81
C TRP A 105 -8.98 -9.19 -1.67
N ARG A 106 -8.92 -8.84 -2.98
CA ARG A 106 -10.09 -8.99 -3.84
C ARG A 106 -9.83 -9.88 -5.08
N GLY A 107 -8.85 -10.79 -4.98
CA GLY A 107 -8.51 -11.71 -6.07
C GLY A 107 -7.73 -11.10 -7.22
N GLN A 108 -7.07 -9.95 -6.98
CA GLN A 108 -6.29 -9.27 -8.01
C GLN A 108 -5.13 -10.10 -8.58
N ALA A 109 -4.51 -10.99 -7.76
CA ALA A 109 -3.36 -11.80 -8.18
C ALA A 109 -3.72 -13.24 -8.64
N LEU A 110 -5.01 -13.53 -8.80
CA LEU A 110 -5.49 -14.84 -9.18
C LEU A 110 -5.69 -14.95 -10.67
N ALA A 111 -5.40 -16.15 -11.21
CA ALA A 111 -5.55 -16.41 -12.64
C ALA A 111 -6.31 -17.72 -12.94
N PRO A 112 -7.62 -17.84 -12.57
CA PRO A 112 -8.38 -19.04 -12.95
C PRO A 112 -8.41 -19.14 -14.47
N GLY A 113 -8.19 -20.35 -14.99
CA GLY A 113 -8.16 -20.60 -16.42
C GLY A 113 -6.83 -20.20 -17.05
N GLY A 114 -5.88 -19.78 -16.21
CA GLY A 114 -4.58 -19.32 -16.65
C GLY A 114 -3.40 -19.72 -15.80
N VAL A 115 -2.36 -18.90 -15.85
CA VAL A 115 -1.10 -19.15 -15.16
C VAL A 115 -0.78 -18.00 -14.18
N VAL A 116 -0.47 -18.35 -12.93
CA VAL A 116 -0.02 -17.39 -11.93
C VAL A 116 1.50 -17.44 -12.00
N VAL A 117 2.14 -16.27 -12.11
CA VAL A 117 3.58 -16.19 -12.12
C VAL A 117 4.06 -15.94 -10.69
N ASP A 118 4.76 -16.92 -10.09
CA ASP A 118 5.34 -16.79 -8.75
C ASP A 118 6.61 -15.94 -8.95
N MET A 119 6.46 -14.61 -8.78
CA MET A 119 7.54 -13.63 -8.96
C MET A 119 8.78 -13.93 -8.14
N GLY A 120 8.59 -14.44 -6.92
CA GLY A 120 9.65 -14.82 -5.99
C GLY A 120 10.71 -15.72 -6.59
N SER A 121 10.37 -16.53 -7.62
CA SER A 121 11.35 -17.40 -8.30
C SER A 121 12.50 -16.60 -8.92
N LEU A 122 12.22 -15.35 -9.38
CA LEU A 122 13.24 -14.47 -9.96
C LEU A 122 14.35 -14.16 -8.97
N GLY A 123 14.05 -14.33 -7.67
CA GLY A 123 14.96 -14.05 -6.58
C GLY A 123 15.93 -15.16 -6.23
N ARG A 124 16.10 -16.17 -7.13
CA ARG A 124 17.03 -17.33 -7.02
C ARG A 124 18.37 -16.88 -6.45
N GLY A 125 18.97 -15.93 -7.18
CA GLY A 125 20.27 -15.34 -6.92
C GLY A 125 20.20 -13.85 -6.62
N PRO A 126 21.35 -13.14 -6.68
CA PRO A 126 21.36 -11.71 -6.33
C PRO A 126 20.51 -10.85 -7.28
N ARG A 127 19.62 -10.04 -6.68
CA ARG A 127 18.64 -9.24 -7.40
C ARG A 127 18.53 -7.77 -6.92
N ILE A 128 19.51 -7.32 -6.14
CA ILE A 128 19.51 -5.96 -5.60
C ILE A 128 20.89 -5.37 -5.78
N ASN A 129 21.00 -4.33 -6.59
CA ASN A 129 22.30 -3.70 -6.79
C ASN A 129 22.22 -2.23 -6.43
N VAL A 130 23.03 -1.84 -5.43
CA VAL A 130 23.13 -0.46 -4.97
C VAL A 130 24.31 0.25 -5.68
N SER A 131 24.04 1.40 -6.31
CA SER A 131 25.07 2.23 -6.94
C SER A 131 25.24 3.49 -6.09
N ALA A 132 26.33 3.57 -5.31
CA ALA A 132 26.65 4.66 -4.39
C ALA A 132 28.02 5.29 -4.65
N ALA A 133 28.49 5.27 -5.92
CA ALA A 133 29.78 5.83 -6.33
C ALA A 133 29.79 7.34 -6.22
N THR A 134 30.88 7.89 -5.68
CA THR A 134 31.07 9.33 -5.51
C THR A 134 31.12 10.01 -6.88
N GLY A 135 30.43 11.14 -6.99
CA GLY A 135 30.32 11.91 -8.23
C GLY A 135 29.06 11.61 -9.02
N ALA A 136 28.02 11.06 -8.34
CA ALA A 136 26.72 10.69 -8.92
C ALA A 136 25.64 10.53 -7.85
N GLU A 137 24.37 10.68 -8.26
CA GLU A 137 23.18 10.52 -7.41
C GLU A 137 23.04 9.00 -7.10
N PRO A 138 23.00 8.58 -5.82
CA PRO A 138 22.90 7.14 -5.53
C PRO A 138 21.53 6.54 -5.83
N PHE A 139 21.48 5.26 -6.20
CA PHE A 139 20.22 4.57 -6.45
C PHE A 139 20.35 3.09 -6.15
N VAL A 140 19.22 2.37 -6.11
CA VAL A 140 19.20 0.93 -5.92
C VAL A 140 18.35 0.31 -7.03
N ASP A 141 18.90 -0.68 -7.72
CA ASP A 141 18.17 -1.43 -8.74
C ASP A 141 17.64 -2.67 -8.03
N ALA A 142 16.34 -2.89 -8.05
CA ALA A 142 15.81 -4.06 -7.36
C ALA A 142 14.85 -4.77 -8.27
N GLY A 143 14.91 -6.10 -8.24
CA GLY A 143 13.97 -6.92 -8.98
C GLY A 143 12.56 -6.60 -8.54
N GLY A 144 11.61 -6.69 -9.46
CA GLY A 144 10.22 -6.43 -9.19
C GLY A 144 9.63 -7.33 -8.11
N GLU A 145 10.22 -8.54 -7.95
CA GLU A 145 9.82 -9.55 -6.95
C GLU A 145 10.41 -9.23 -5.59
N GLN A 146 11.40 -8.35 -5.51
CA GLN A 146 12.08 -8.13 -4.22
C GLN A 146 11.22 -7.46 -3.18
N LEU A 147 11.36 -7.90 -1.92
CA LEU A 147 10.61 -7.35 -0.81
C LEU A 147 11.29 -6.10 -0.37
N TRP A 148 10.50 -5.10 0.05
CA TRP A 148 11.04 -3.83 0.55
C TRP A 148 11.96 -4.04 1.76
N VAL A 149 11.68 -5.07 2.60
CA VAL A 149 12.54 -5.36 3.78
C VAL A 149 13.96 -5.76 3.30
N ASP A 150 14.03 -6.44 2.15
CA ASP A 150 15.31 -6.91 1.59
C ASP A 150 16.06 -5.78 0.89
N VAL A 151 15.33 -4.85 0.25
CA VAL A 151 15.91 -3.62 -0.34
C VAL A 151 16.54 -2.83 0.82
N LEU A 152 15.79 -2.63 1.92
CA LEU A 152 16.28 -1.88 3.10
C LEU A 152 17.60 -2.47 3.61
N ARG A 153 17.63 -3.80 3.86
CA ARG A 153 18.82 -4.51 4.33
C ARG A 153 20.03 -4.24 3.41
N ALA A 154 19.83 -4.32 2.09
CA ALA A 154 20.90 -4.08 1.13
C ALA A 154 21.39 -2.63 1.06
N THR A 155 20.49 -1.64 1.15
CA THR A 155 20.91 -0.23 1.03
C THR A 155 21.56 0.27 2.31
N LEU A 156 21.11 -0.22 3.50
CA LEU A 156 21.69 0.22 4.78
C LEU A 156 23.16 -0.09 4.92
N ARG A 157 23.65 -1.14 4.24
CA ARG A 157 25.08 -1.52 4.24
C ARG A 157 25.93 -0.41 3.60
N HIS A 158 25.29 0.46 2.79
CA HIS A 158 25.92 1.59 2.14
C HIS A 158 25.51 2.93 2.81
N GLY A 159 24.82 2.85 3.96
CA GLY A 159 24.35 4.03 4.68
C GLY A 159 23.24 4.77 3.96
N LEU A 160 22.51 4.06 3.08
CA LEU A 160 21.43 4.61 2.29
C LEU A 160 20.10 3.90 2.50
N ALA A 161 19.01 4.56 2.10
CA ALA A 161 17.68 3.97 2.16
C ALA A 161 16.69 4.66 1.24
N PRO A 162 15.72 3.91 0.68
CA PRO A 162 14.60 4.57 -0.01
C PRO A 162 13.92 5.57 0.94
N ARG A 163 13.25 6.54 0.35
CA ARG A 163 12.63 7.65 1.08
C ARG A 163 11.23 7.41 1.63
N VAL A 164 10.44 6.58 0.92
CA VAL A 164 9.04 6.34 1.22
C VAL A 164 8.79 4.84 1.38
N TRP A 165 8.05 4.51 2.43
CA TRP A 165 7.75 3.14 2.84
C TRP A 165 6.31 2.89 3.09
N THR A 166 5.85 1.70 2.70
CA THR A 166 4.55 1.24 3.10
C THR A 166 4.72 0.91 4.61
N ASP A 167 3.61 0.70 5.32
CA ASP A 167 3.64 0.30 6.74
C ASP A 167 4.15 -1.12 6.90
N TYR A 168 4.09 -1.94 5.85
CA TYR A 168 4.45 -3.34 5.92
C TYR A 168 5.53 -3.66 4.90
N LEU A 169 6.70 -4.11 5.36
CA LEU A 169 7.84 -4.27 4.45
C LEU A 169 7.87 -5.58 3.66
N ARG A 170 7.01 -6.57 4.01
N ARG A 170 7.02 -6.57 4.01
CA ARG A 170 6.97 -7.83 3.26
CA ARG A 170 7.00 -7.83 3.27
C ARG A 170 5.99 -7.75 2.10
C ARG A 170 6.01 -7.76 2.09
N LEU A 171 6.21 -6.77 1.23
CA LEU A 171 5.42 -6.50 0.03
C LEU A 171 6.45 -6.43 -1.09
N THR A 172 6.09 -6.82 -2.31
CA THR A 172 7.07 -6.70 -3.38
C THR A 172 7.15 -5.26 -3.93
N VAL A 173 8.31 -4.95 -4.53
CA VAL A 173 8.59 -3.67 -5.19
C VAL A 173 7.54 -3.47 -6.30
N GLY A 174 7.36 -4.49 -7.16
CA GLY A 174 6.41 -4.43 -8.26
C GLY A 174 4.96 -4.33 -7.83
N GLY A 175 4.63 -5.00 -6.72
CA GLY A 175 3.28 -5.01 -6.15
C GLY A 175 2.89 -3.62 -5.63
N THR A 176 3.78 -2.96 -4.86
CA THR A 176 3.45 -1.61 -4.35
C THR A 176 3.48 -0.56 -5.46
N LEU A 177 4.44 -0.68 -6.40
CA LEU A 177 4.55 0.32 -7.50
C LEU A 177 3.39 0.23 -8.50
N SER A 178 2.69 -0.91 -8.54
CA SER A 178 1.53 -1.08 -9.40
C SER A 178 0.31 -0.38 -8.76
N ASN A 179 0.46 0.15 -7.54
CA ASN A 179 -0.65 0.83 -6.86
C ASN A 179 -0.35 2.31 -6.64
N ALA A 180 0.72 2.58 -5.88
CA ALA A 180 1.30 3.88 -5.56
C ALA A 180 2.33 3.69 -4.47
N GLY A 181 1.94 3.02 -3.37
CA GLY A 181 2.83 2.77 -2.24
C GLY A 181 2.80 3.99 -1.36
N ILE A 182 1.86 4.02 -0.42
CA ILE A 182 1.75 5.17 0.47
C ILE A 182 2.18 4.78 1.90
N GLY A 183 2.56 5.79 2.67
CA GLY A 183 3.02 5.67 4.04
C GLY A 183 3.25 7.04 4.63
N GLY A 184 3.78 7.06 5.85
CA GLY A 184 3.99 8.28 6.62
C GLY A 184 4.95 9.32 6.08
N GLN A 185 5.77 8.99 5.08
CA GLN A 185 6.73 9.96 4.48
C GLN A 185 6.19 10.57 3.17
N ALA A 186 5.09 10.03 2.62
CA ALA A 186 4.51 10.46 1.36
C ALA A 186 4.13 11.94 1.33
N PHE A 187 3.76 12.54 2.48
CA PHE A 187 3.42 13.97 2.54
C PHE A 187 4.61 14.82 2.11
N ARG A 188 5.81 14.30 2.34
CA ARG A 188 7.05 15.01 2.07
C ARG A 188 7.65 14.64 0.71
N HIS A 189 7.72 13.33 0.39
CA HIS A 189 8.39 12.90 -0.84
C HIS A 189 7.48 12.27 -1.91
N GLY A 190 6.19 12.24 -1.63
CA GLY A 190 5.23 11.62 -2.54
C GLY A 190 5.17 10.12 -2.31
N PRO A 191 4.28 9.42 -3.06
CA PRO A 191 4.19 7.97 -2.91
C PRO A 191 5.45 7.29 -3.45
N GLN A 192 5.57 5.97 -3.27
CA GLN A 192 6.72 5.24 -3.79
C GLN A 192 6.88 5.40 -5.33
N ILE A 193 5.74 5.54 -6.04
CA ILE A 193 5.76 5.73 -7.52
C ILE A 193 6.39 7.07 -7.93
N ALA A 194 6.50 8.03 -6.98
CA ALA A 194 7.13 9.34 -7.23
C ALA A 194 8.64 9.29 -6.91
N ASN A 195 9.15 8.09 -6.50
CA ASN A 195 10.54 7.88 -6.10
C ASN A 195 11.21 6.75 -6.89
N VAL A 196 10.87 6.66 -8.18
CA VAL A 196 11.33 5.68 -9.15
C VAL A 196 11.98 6.41 -10.35
N HIS A 197 13.23 6.04 -10.66
CA HIS A 197 13.98 6.60 -11.78
C HIS A 197 13.61 5.88 -13.06
N GLU A 198 13.53 4.54 -13.03
CA GLU A 198 13.20 3.79 -14.23
C GLU A 198 12.67 2.41 -13.89
N LEU A 199 12.07 1.75 -14.89
CA LEU A 199 11.51 0.39 -14.75
C LEU A 199 11.93 -0.48 -15.94
N ASP A 200 11.90 -1.81 -15.74
CA ASP A 200 11.93 -2.82 -16.79
C ASP A 200 10.53 -3.40 -16.68
N VAL A 201 9.85 -3.47 -17.80
CA VAL A 201 8.49 -3.96 -17.87
C VAL A 201 8.42 -5.04 -18.96
N VAL A 202 7.75 -6.18 -18.65
CA VAL A 202 7.48 -7.21 -19.66
C VAL A 202 6.05 -6.89 -20.06
N THR A 203 5.82 -6.35 -21.28
CA THR A 203 4.47 -5.97 -21.71
C THR A 203 3.60 -7.20 -22.00
N GLY A 204 2.31 -6.97 -22.26
CA GLY A 204 1.36 -8.01 -22.60
C GLY A 204 1.58 -8.66 -23.96
N THR A 205 2.56 -8.17 -24.74
CA THR A 205 2.93 -8.76 -26.04
C THR A 205 4.17 -9.65 -25.86
N GLY A 206 4.80 -9.56 -24.70
CA GLY A 206 6.01 -10.29 -24.36
C GLY A 206 7.27 -9.49 -24.62
N GLU A 207 7.11 -8.19 -24.95
CA GLU A 207 8.24 -7.30 -25.20
C GLU A 207 8.86 -6.80 -23.89
N MET A 208 10.21 -6.84 -23.80
N MET A 208 10.21 -6.85 -23.80
CA MET A 208 10.96 -6.38 -22.64
CA MET A 208 10.91 -6.33 -22.63
C MET A 208 11.36 -4.91 -22.89
C MET A 208 11.27 -4.88 -22.95
N VAL A 209 10.75 -3.96 -22.13
CA VAL A 209 10.96 -2.50 -22.31
C VAL A 209 11.60 -1.89 -21.05
N THR A 210 12.62 -1.05 -21.21
CA THR A 210 13.18 -0.23 -20.13
C THR A 210 12.53 1.15 -20.34
N CYS A 211 11.97 1.73 -19.27
CA CYS A 211 11.26 3.00 -19.38
C CYS A 211 11.52 3.92 -18.18
N SER A 212 11.42 5.24 -18.43
CA SER A 212 11.70 6.30 -17.48
C SER A 212 10.97 7.55 -18.00
N MET A 213 11.18 8.70 -17.36
CA MET A 213 10.59 9.96 -17.80
C MET A 213 11.09 10.39 -19.19
N ASP A 214 12.28 9.90 -19.59
CA ASP A 214 12.96 10.31 -20.82
C ASP A 214 12.89 9.32 -21.98
N VAL A 215 12.63 8.02 -21.71
CA VAL A 215 12.57 6.95 -22.71
C VAL A 215 11.33 6.12 -22.44
N ASN A 216 10.47 5.90 -23.47
CA ASN A 216 9.23 5.10 -23.36
C ASN A 216 8.38 5.57 -22.18
N SER A 217 8.27 6.92 -22.01
CA SER A 217 7.58 7.56 -20.90
C SER A 217 6.10 7.21 -20.82
N ASP A 218 5.47 6.85 -21.96
CA ASP A 218 4.05 6.46 -21.97
C ASP A 218 3.84 5.20 -21.12
N LEU A 219 4.76 4.21 -21.25
CA LEU A 219 4.69 2.96 -20.48
C LEU A 219 5.09 3.21 -19.02
N PHE A 220 6.15 4.01 -18.82
CA PHE A 220 6.62 4.36 -17.49
C PHE A 220 5.51 4.97 -16.68
N MET A 221 4.80 5.99 -17.21
CA MET A 221 3.71 6.67 -16.51
C MET A 221 2.50 5.78 -16.34
N ALA A 222 2.25 4.89 -17.32
CA ALA A 222 1.11 3.98 -17.26
C ALA A 222 1.31 2.89 -16.17
N ALA A 223 2.50 2.25 -16.14
CA ALA A 223 2.83 1.17 -15.21
C ALA A 223 2.78 1.59 -13.72
N LEU A 224 3.16 2.85 -13.43
CA LEU A 224 3.15 3.40 -12.06
C LEU A 224 1.72 3.68 -11.59
N GLY A 225 1.22 2.80 -10.70
CA GLY A 225 -0.17 2.84 -10.25
C GLY A 225 -1.10 2.18 -11.26
N GLY A 226 -0.49 1.47 -12.22
CA GLY A 226 -1.14 0.83 -13.35
C GLY A 226 -1.83 -0.50 -13.12
N LEU A 227 -1.76 -1.04 -11.89
CA LEU A 227 -2.44 -2.27 -11.48
C LEU A 227 -2.08 -3.53 -12.35
N GLY A 228 -0.81 -3.59 -12.80
CA GLY A 228 -0.28 -4.66 -13.65
C GLY A 228 -0.88 -4.77 -15.04
N GLN A 229 -1.72 -3.79 -15.44
CA GLN A 229 -2.47 -3.82 -16.72
C GLN A 229 -1.65 -3.61 -17.97
N PHE A 230 -0.46 -3.05 -17.83
CA PHE A 230 0.33 -2.72 -19.01
C PHE A 230 1.59 -3.56 -19.13
N GLY A 231 1.81 -4.42 -18.15
CA GLY A 231 3.02 -5.21 -18.12
C GLY A 231 3.44 -5.57 -16.72
N VAL A 232 4.40 -6.49 -16.64
CA VAL A 232 4.95 -6.99 -15.38
C VAL A 232 6.21 -6.23 -15.11
N ILE A 233 6.26 -5.56 -13.96
CA ILE A 233 7.48 -4.85 -13.54
C ILE A 233 8.48 -5.93 -13.05
N THR A 234 9.66 -6.00 -13.70
CA THR A 234 10.71 -6.96 -13.35
C THR A 234 11.90 -6.27 -12.72
N ARG A 235 11.95 -4.94 -12.81
CA ARG A 235 13.00 -4.13 -12.20
C ARG A 235 12.54 -2.71 -11.96
N ALA A 236 12.93 -2.14 -10.83
CA ALA A 236 12.68 -0.73 -10.56
C ALA A 236 13.96 -0.15 -9.99
N ARG A 237 14.32 1.05 -10.46
CA ARG A 237 15.48 1.81 -9.98
C ARG A 237 14.92 2.82 -8.98
N ILE A 238 15.17 2.57 -7.71
CA ILE A 238 14.61 3.35 -6.61
C ILE A 238 15.56 4.42 -6.11
N ARG A 239 15.00 5.62 -5.87
CA ARG A 239 15.70 6.78 -5.33
C ARG A 239 16.12 6.50 -3.89
N LEU A 240 17.31 6.98 -3.52
CA LEU A 240 17.89 6.79 -2.18
C LEU A 240 18.27 8.10 -1.52
N GLU A 241 18.37 8.08 -0.19
CA GLU A 241 18.79 9.22 0.62
C GLU A 241 19.66 8.70 1.77
N PRO A 242 20.52 9.53 2.42
CA PRO A 242 21.28 9.04 3.57
C PRO A 242 20.35 8.46 4.63
N ALA A 243 20.69 7.27 5.14
CA ALA A 243 19.86 6.58 6.12
C ALA A 243 20.04 7.13 7.53
N PRO A 244 18.95 7.33 8.27
CA PRO A 244 19.12 7.66 9.70
C PRO A 244 19.49 6.38 10.46
N LYS A 245 19.89 6.52 11.72
CA LYS A 245 20.25 5.37 12.55
C LYS A 245 19.15 5.06 13.53
N ARG A 246 18.47 6.10 14.07
CA ARG A 246 17.46 5.90 15.10
C ARG A 246 16.21 6.77 14.84
N VAL A 247 15.11 6.45 15.55
CA VAL A 247 13.82 7.12 15.40
C VAL A 247 13.18 7.35 16.77
N ARG A 248 12.79 8.60 17.03
CA ARG A 248 11.99 8.96 18.22
C ARG A 248 10.56 8.94 17.68
N TRP A 249 9.75 8.00 18.19
CA TRP A 249 8.44 7.65 17.69
C TRP A 249 7.36 7.96 18.73
N VAL A 250 6.39 8.81 18.35
CA VAL A 250 5.34 9.21 19.29
C VAL A 250 3.92 8.90 18.79
N ARG A 251 3.01 8.71 19.73
CA ARG A 251 1.58 8.63 19.47
C ARG A 251 0.98 9.66 20.40
N LEU A 252 0.13 10.54 19.85
CA LEU A 252 -0.49 11.68 20.55
C LEU A 252 -2.02 11.55 20.51
N ALA A 253 -2.63 11.47 21.70
CA ALA A 253 -4.07 11.24 21.80
C ALA A 253 -4.91 12.51 21.73
N TYR A 254 -5.98 12.44 20.93
CA TYR A 254 -6.96 13.53 20.75
C TYR A 254 -8.35 12.94 20.96
N THR A 255 -9.28 13.73 21.50
CA THR A 255 -10.68 13.29 21.67
C THR A 255 -11.57 14.07 20.68
N ASP A 256 -11.01 15.08 19.98
CA ASP A 256 -11.75 15.94 19.06
C ASP A 256 -11.16 15.85 17.66
N VAL A 257 -11.95 15.31 16.70
CA VAL A 257 -11.56 15.14 15.30
C VAL A 257 -11.11 16.47 14.66
N ALA A 258 -11.73 17.63 15.03
CA ALA A 258 -11.33 18.92 14.46
C ALA A 258 -9.92 19.33 14.90
N THR A 259 -9.57 19.08 16.17
CA THR A 259 -8.24 19.40 16.68
C THR A 259 -7.20 18.45 16.08
N PHE A 260 -7.56 17.17 16.00
CA PHE A 260 -6.72 16.09 15.44
C PHE A 260 -6.34 16.43 13.98
N THR A 261 -7.33 16.75 13.13
CA THR A 261 -7.10 17.07 11.72
C THR A 261 -6.31 18.37 11.53
N LYS A 262 -6.59 19.41 12.34
CA LYS A 262 -5.86 20.69 12.26
C LYS A 262 -4.37 20.46 12.54
N ASP A 263 -4.07 19.66 13.57
CA ASP A 263 -2.69 19.32 13.93
C ASP A 263 -2.02 18.44 12.88
N GLN A 264 -2.72 17.43 12.31
CA GLN A 264 -2.09 16.61 11.25
C GLN A 264 -1.74 17.49 10.06
N GLU A 265 -2.66 18.41 9.68
CA GLU A 265 -2.44 19.32 8.55
C GLU A 265 -1.33 20.28 8.84
N PHE A 266 -1.23 20.77 10.09
CA PHE A 266 -0.11 21.62 10.49
C PHE A 266 1.24 20.86 10.33
N LEU A 267 1.26 19.59 10.75
CA LEU A 267 2.44 18.70 10.71
C LEU A 267 2.92 18.35 9.28
N ILE A 268 2.04 18.40 8.29
CA ILE A 268 2.43 18.10 6.91
C ILE A 268 2.59 19.39 6.08
N SER A 269 2.37 20.57 6.71
CA SER A 269 2.37 21.87 6.01
C SER A 269 3.55 22.84 6.28
N ASN A 270 4.54 22.44 7.10
CA ASN A 270 5.69 23.31 7.42
C ASN A 270 6.97 22.55 7.09
N ARG A 271 6.98 21.90 5.91
CA ARG A 271 8.01 21.00 5.42
C ARG A 271 9.42 21.62 5.33
N THR A 272 9.53 22.97 5.30
CA THR A 272 10.85 23.65 5.22
C THR A 272 11.45 23.89 6.62
N SER A 273 10.61 23.90 7.68
CA SER A 273 11.02 24.11 9.07
C SER A 273 11.89 22.96 9.60
N GLN A 274 12.90 23.31 10.41
CA GLN A 274 13.82 22.35 11.06
C GLN A 274 13.08 21.57 12.16
N VAL A 275 12.00 22.15 12.71
CA VAL A 275 11.17 21.54 13.74
C VAL A 275 10.04 20.75 13.02
N GLY A 276 10.21 19.43 12.86
CA GLY A 276 9.20 18.62 12.19
C GLY A 276 9.42 17.13 12.20
N PHE A 277 8.37 16.35 11.84
CA PHE A 277 8.41 14.90 11.76
C PHE A 277 8.84 14.47 10.34
N ASP A 278 9.47 13.29 10.24
CA ASP A 278 9.86 12.71 8.94
C ASP A 278 8.74 11.79 8.47
N TYR A 279 7.86 11.43 9.41
CA TYR A 279 6.75 10.51 9.23
C TYR A 279 5.56 11.02 10.00
N VAL A 280 4.39 11.02 9.34
CA VAL A 280 3.11 11.46 9.96
C VAL A 280 2.01 10.50 9.51
N GLU A 281 1.40 9.81 10.47
CA GLU A 281 0.21 9.00 10.24
C GLU A 281 -0.78 9.33 11.36
N GLY A 282 -1.87 8.57 11.38
CA GLY A 282 -2.90 8.71 12.40
C GLY A 282 -3.76 7.48 12.43
N GLN A 283 -4.40 7.23 13.58
CA GLN A 283 -5.29 6.09 13.77
C GLN A 283 -6.55 6.52 14.47
N VAL A 284 -7.68 5.88 14.13
CA VAL A 284 -8.97 6.17 14.75
C VAL A 284 -9.31 4.94 15.55
N GLN A 285 -9.53 5.11 16.85
CA GLN A 285 -9.91 3.99 17.69
C GLN A 285 -11.33 4.21 18.21
N LEU A 286 -12.26 3.37 17.77
CA LEU A 286 -13.66 3.48 18.18
C LEU A 286 -13.81 3.17 19.67
N ASN A 287 -14.71 3.88 20.36
CA ASN A 287 -14.89 3.73 21.81
C ASN A 287 -14.86 2.27 22.32
N ARG A 288 -15.68 1.41 21.73
CA ARG A 288 -15.77 0.01 22.13
C ARG A 288 -14.49 -0.78 21.88
N SER A 289 -13.73 -0.42 20.80
CA SER A 289 -12.44 -1.07 20.47
C SER A 289 -11.39 -0.83 21.55
N LEU A 290 -11.52 0.24 22.35
CA LEU A 290 -10.61 0.55 23.45
C LEU A 290 -11.04 -0.22 24.68
N VAL A 291 -12.25 0.07 25.19
CA VAL A 291 -12.88 -0.52 26.38
C VAL A 291 -12.91 -2.08 26.33
N GLU A 292 -13.39 -2.67 25.22
CA GLU A 292 -13.46 -4.12 25.06
C GLU A 292 -12.28 -4.70 24.27
N GLY A 293 -11.18 -3.94 24.20
CA GLY A 293 -9.98 -4.34 23.48
C GLY A 293 -8.96 -5.13 24.30
N PRO A 294 -7.77 -5.40 23.72
CA PRO A 294 -6.74 -6.15 24.46
C PRO A 294 -6.21 -5.44 25.69
N LYS A 295 -5.54 -6.20 26.58
CA LYS A 295 -4.94 -5.67 27.81
C LYS A 295 -3.69 -4.84 27.48
N SER A 296 -3.05 -5.11 26.31
CA SER A 296 -1.86 -4.41 25.81
C SER A 296 -1.71 -4.61 24.30
N THR A 297 -0.84 -3.79 23.68
CA THR A 297 -0.52 -3.88 22.25
C THR A 297 1.01 -3.82 22.15
N PRO A 298 1.66 -4.13 21.00
CA PRO A 298 3.14 -3.96 20.94
C PRO A 298 3.58 -2.51 21.24
N PHE A 299 2.69 -1.48 21.02
CA PHE A 299 3.04 -0.07 21.33
C PHE A 299 2.63 0.32 22.76
N PHE A 300 1.38 -0.01 23.17
CA PHE A 300 0.82 0.40 24.46
C PHE A 300 0.83 -0.67 25.55
N SER A 301 1.29 -0.29 26.73
CA SER A 301 1.28 -1.12 27.94
C SER A 301 -0.14 -1.15 28.48
N GLY A 302 -0.39 -2.03 29.45
CA GLY A 302 -1.67 -2.14 30.14
C GLY A 302 -2.04 -0.85 30.82
N ALA A 303 -1.05 -0.19 31.46
CA ALA A 303 -1.21 1.11 32.14
C ALA A 303 -1.60 2.24 31.15
N ASP A 304 -0.95 2.30 29.95
CA ASP A 304 -1.26 3.27 28.89
C ASP A 304 -2.71 3.12 28.48
N LEU A 305 -3.12 1.87 28.20
CA LEU A 305 -4.48 1.51 27.78
C LEU A 305 -5.55 1.82 28.81
N ALA A 306 -5.22 1.67 30.12
CA ALA A 306 -6.14 1.95 31.20
C ALA A 306 -6.41 3.46 31.24
N ARG A 307 -5.36 4.27 31.05
CA ARG A 307 -5.47 5.74 31.01
C ARG A 307 -6.25 6.22 29.77
N LEU A 308 -5.98 5.61 28.59
CA LEU A 308 -6.66 5.92 27.34
C LEU A 308 -8.16 5.60 27.42
N ALA A 309 -8.52 4.46 28.07
CA ALA A 309 -9.92 4.07 28.28
C ALA A 309 -10.63 5.12 29.19
N GLY A 310 -9.91 5.64 30.18
CA GLY A 310 -10.40 6.70 31.08
C GLY A 310 -10.66 7.98 30.30
N LEU A 311 -9.70 8.37 29.44
CA LEU A 311 -9.81 9.53 28.55
C LEU A 311 -11.04 9.43 27.60
N ALA A 312 -11.25 8.24 26.98
CA ALA A 312 -12.38 7.97 26.06
C ALA A 312 -13.77 7.91 26.73
N SER A 313 -13.84 8.05 28.06
CA SER A 313 -15.14 7.98 28.74
C SER A 313 -15.34 9.05 29.84
N ARG A 314 -14.57 10.16 29.80
CA ARG A 314 -14.65 11.20 30.84
C ARG A 314 -15.94 12.03 30.80
N THR A 315 -16.57 12.23 29.63
CA THR A 315 -17.82 12.99 29.50
C THR A 315 -18.82 12.16 28.65
N GLY A 316 -18.71 10.85 28.78
CA GLY A 316 -19.48 9.90 28.00
C GLY A 316 -18.56 9.21 27.01
N PRO A 317 -19.06 8.29 26.17
CA PRO A 317 -18.16 7.58 25.25
C PRO A 317 -17.71 8.35 24.01
N THR A 318 -16.39 8.35 23.74
CA THR A 318 -15.83 8.97 22.53
C THR A 318 -14.81 8.00 21.90
N ALA A 319 -14.54 8.19 20.61
CA ALA A 319 -13.45 7.54 19.92
C ALA A 319 -12.18 8.31 20.37
N ILE A 320 -11.00 7.76 20.10
CA ILE A 320 -9.74 8.43 20.35
C ILE A 320 -9.07 8.50 18.97
N TYR A 321 -8.50 9.65 18.64
CA TYR A 321 -7.78 9.89 17.38
C TYR A 321 -6.32 10.05 17.74
N TYR A 322 -5.44 9.21 17.17
CA TYR A 322 -4.02 9.32 17.52
C TYR A 322 -3.23 9.88 16.35
N ILE A 323 -2.35 10.86 16.61
CA ILE A 323 -1.40 11.26 15.58
C ILE A 323 -0.19 10.39 15.90
N GLU A 324 0.44 9.82 14.87
CA GLU A 324 1.68 9.05 15.01
C GLU A 324 2.76 9.79 14.23
N GLY A 325 3.74 10.26 14.96
CA GLY A 325 4.85 11.00 14.39
C GLY A 325 6.18 10.29 14.66
N ALA A 326 7.13 10.46 13.74
CA ALA A 326 8.46 9.89 13.94
C ALA A 326 9.51 10.88 13.46
N MET A 327 10.53 11.07 14.30
CA MET A 327 11.64 11.98 14.07
C MET A 327 12.89 11.13 13.87
N TYR A 328 13.46 11.20 12.68
CA TYR A 328 14.67 10.45 12.37
C TYR A 328 15.88 11.18 12.95
N TYR A 329 16.92 10.44 13.35
CA TYR A 329 18.19 11.04 13.81
C TYR A 329 19.34 10.08 13.58
N THR A 330 20.56 10.59 13.59
CA THR A 330 21.74 9.77 13.32
C THR A 330 22.68 9.72 14.53
N GLU A 331 23.56 10.71 14.70
CA GLU A 331 24.56 10.74 15.78
C GLU A 331 24.13 11.56 16.97
N ASP A 332 22.96 12.19 16.91
CA ASP A 332 22.38 13.04 17.95
C ASP A 332 22.35 12.35 19.31
N THR A 333 22.66 13.10 20.37
CA THR A 333 22.61 12.57 21.75
C THR A 333 21.15 12.46 22.20
N ALA A 334 20.89 11.62 23.22
CA ALA A 334 19.55 11.42 23.79
C ALA A 334 18.93 12.73 24.25
N ILE A 335 19.70 13.59 24.95
CA ILE A 335 19.22 14.90 25.41
C ILE A 335 18.92 15.88 24.21
N SER A 336 19.68 15.84 23.09
CA SER A 336 19.38 16.71 21.92
C SER A 336 18.07 16.30 21.26
N VAL A 337 17.81 14.99 21.17
CA VAL A 337 16.59 14.44 20.58
C VAL A 337 15.39 14.83 21.47
N ASP A 338 15.54 14.71 22.80
CA ASP A 338 14.52 15.12 23.77
C ASP A 338 14.08 16.58 23.55
N LYS A 339 15.06 17.46 23.31
CA LYS A 339 14.87 18.90 23.11
C LYS A 339 14.16 19.18 21.78
N LYS A 340 14.57 18.47 20.70
CA LYS A 340 13.97 18.62 19.36
C LYS A 340 12.51 18.15 19.41
N MET A 341 12.25 16.98 20.02
CA MET A 341 10.90 16.47 20.15
C MET A 341 10.02 17.42 20.96
N LYS A 342 10.54 17.92 22.11
CA LYS A 342 9.84 18.87 22.96
C LYS A 342 9.46 20.15 22.20
N ALA A 343 10.39 20.70 21.39
CA ALA A 343 10.10 21.93 20.63
C ALA A 343 8.93 21.72 19.66
N LEU A 344 8.82 20.51 19.08
CA LEU A 344 7.75 20.16 18.17
C LEU A 344 6.45 19.90 18.93
N LEU A 345 6.49 19.02 19.96
CA LEU A 345 5.32 18.68 20.75
C LEU A 345 4.67 19.89 21.43
N ASP A 346 5.50 20.87 21.87
CA ASP A 346 5.09 22.13 22.51
C ASP A 346 4.16 22.99 21.62
N GLN A 347 4.18 22.79 20.30
CA GLN A 347 3.34 23.50 19.33
C GLN A 347 1.95 22.86 19.13
N LEU A 348 1.77 21.64 19.61
CA LEU A 348 0.57 20.85 19.34
C LEU A 348 -0.50 20.90 20.43
N SER A 349 -1.72 20.44 20.08
CA SER A 349 -2.90 20.51 20.92
C SER A 349 -3.50 19.16 21.27
N PHE A 350 -2.65 18.14 21.42
CA PHE A 350 -3.09 16.81 21.89
C PHE A 350 -3.48 16.94 23.39
N GLU A 351 -4.21 15.96 23.92
CA GLU A 351 -4.63 15.96 25.31
C GLU A 351 -3.41 16.03 26.24
N PRO A 352 -3.36 17.04 27.15
CA PRO A 352 -2.20 17.15 28.06
C PRO A 352 -2.02 15.86 28.88
N GLY A 353 -0.78 15.39 28.93
CA GLY A 353 -0.44 14.14 29.62
C GLY A 353 -0.66 12.91 28.75
N PHE A 354 -1.03 13.10 27.45
CA PHE A 354 -1.25 11.94 26.59
C PHE A 354 -0.24 11.82 25.40
N PRO A 355 1.07 12.12 25.58
CA PRO A 355 2.03 11.75 24.55
C PRO A 355 2.62 10.35 24.96
N PHE A 356 2.82 9.45 24.01
CA PHE A 356 3.39 8.12 24.29
C PHE A 356 4.58 8.00 23.37
N THR A 357 5.77 7.72 23.92
CA THR A 357 7.02 7.77 23.20
C THR A 357 7.82 6.48 23.25
N LYS A 358 8.46 6.15 22.11
CA LYS A 358 9.40 5.05 21.96
C LYS A 358 10.65 5.58 21.24
N ASP A 359 11.79 4.94 21.47
CA ASP A 359 13.05 5.28 20.84
C ASP A 359 13.61 3.93 20.38
N VAL A 360 13.70 3.77 19.05
CA VAL A 360 14.06 2.52 18.40
C VAL A 360 15.08 2.79 17.28
N THR A 361 15.64 1.72 16.68
CA THR A 361 16.54 1.89 15.52
C THR A 361 15.65 2.19 14.30
N PHE A 362 16.25 2.67 13.22
CA PHE A 362 15.55 2.98 11.98
C PHE A 362 14.88 1.70 11.44
N VAL A 363 15.58 0.53 11.48
CA VAL A 363 15.06 -0.76 11.03
C VAL A 363 13.88 -1.19 11.88
N GLN A 364 14.00 -1.05 13.21
CA GLN A 364 12.91 -1.41 14.13
C GLN A 364 11.68 -0.56 13.84
N PHE A 365 11.88 0.73 13.51
CA PHE A 365 10.75 1.61 13.17
C PHE A 365 10.11 1.19 11.87
N LEU A 366 10.90 1.05 10.80
CA LEU A 366 10.30 0.66 9.52
C LEU A 366 9.67 -0.73 9.54
N ASP A 367 10.22 -1.64 10.37
CA ASP A 367 9.69 -3.00 10.43
C ASP A 367 8.73 -3.24 11.59
N ARG A 368 8.21 -2.16 12.21
CA ARG A 368 7.30 -2.18 13.37
C ARG A 368 6.09 -3.11 13.23
N VAL A 369 5.51 -3.20 12.01
CA VAL A 369 4.30 -4.00 11.79
C VAL A 369 4.63 -5.50 11.84
N ARG A 370 5.90 -5.87 11.59
CA ARG A 370 6.33 -7.26 11.67
C ARG A 370 6.11 -7.79 13.10
N GLU A 371 6.36 -6.94 14.13
CA GLU A 371 6.08 -7.32 15.53
C GLU A 371 4.58 -7.49 15.77
N GLU A 372 3.75 -6.61 15.18
CA GLU A 372 2.30 -6.68 15.32
C GLU A 372 1.78 -7.97 14.68
N GLU A 373 2.35 -8.33 13.52
CA GLU A 373 2.02 -9.57 12.81
C GLU A 373 2.33 -10.81 13.68
N ARG A 374 3.50 -10.83 14.34
CA ARG A 374 3.97 -11.90 15.23
C ARG A 374 2.91 -12.14 16.33
N VAL A 375 2.46 -11.05 16.99
CA VAL A 375 1.43 -11.06 18.05
C VAL A 375 0.09 -11.58 17.49
N LEU A 376 -0.34 -11.05 16.34
CA LEU A 376 -1.58 -11.49 15.71
C LEU A 376 -1.57 -12.95 15.32
N ARG A 377 -0.46 -13.46 14.75
CA ARG A 377 -0.33 -14.87 14.35
C ARG A 377 -0.38 -15.78 15.59
N SER A 378 0.27 -15.38 16.68
CA SER A 378 0.23 -16.18 17.92
C SER A 378 -1.22 -16.31 18.43
N ALA A 379 -2.06 -15.26 18.26
CA ALA A 379 -3.47 -15.25 18.67
C ALA A 379 -4.42 -15.84 17.62
N GLY A 380 -3.89 -16.33 16.49
CA GLY A 380 -4.69 -16.86 15.38
C GLY A 380 -5.56 -15.78 14.74
N ALA A 381 -5.11 -14.52 14.79
CA ALA A 381 -5.85 -13.36 14.28
C ALA A 381 -5.20 -12.69 13.06
N TRP A 382 -4.32 -13.42 12.34
CA TRP A 382 -3.67 -12.87 11.14
C TRP A 382 -4.21 -13.55 9.88
N GLU A 383 -4.22 -14.91 9.86
CA GLU A 383 -4.73 -15.69 8.73
C GLU A 383 -6.22 -15.83 8.86
N VAL A 384 -6.92 -14.70 8.63
CA VAL A 384 -8.37 -14.55 8.74
C VAL A 384 -8.86 -13.66 7.56
N PRO A 385 -10.18 -13.57 7.27
CA PRO A 385 -10.61 -12.66 6.17
C PRO A 385 -10.31 -11.20 6.46
N HIS A 386 -9.90 -10.46 5.41
CA HIS A 386 -9.60 -9.03 5.49
C HIS A 386 -10.42 -8.29 4.43
N PRO A 387 -11.71 -7.98 4.72
CA PRO A 387 -12.54 -7.23 3.74
C PRO A 387 -12.24 -5.73 3.85
N TRP A 388 -11.01 -5.37 3.49
CA TRP A 388 -10.45 -4.03 3.64
C TRP A 388 -10.98 -3.02 2.64
N LEU A 389 -10.97 -1.73 3.04
CA LEU A 389 -11.42 -0.62 2.20
C LEU A 389 -10.51 0.59 2.45
N ASN A 390 -10.00 1.18 1.39
CA ASN A 390 -9.07 2.31 1.45
C ASN A 390 -9.62 3.43 0.61
N LEU A 391 -9.77 4.62 1.23
CA LEU A 391 -10.33 5.78 0.55
C LEU A 391 -9.43 6.99 0.64
N PHE A 392 -9.45 7.79 -0.41
CA PHE A 392 -8.81 9.11 -0.51
C PHE A 392 -9.99 10.07 -0.43
N VAL A 393 -10.02 10.88 0.62
CA VAL A 393 -11.12 11.83 0.89
C VAL A 393 -10.64 13.27 0.76
N PRO A 394 -11.37 14.17 0.05
CA PRO A 394 -10.90 15.57 -0.01
C PRO A 394 -10.91 16.21 1.39
N ARG A 395 -9.90 17.04 1.69
N ARG A 395 -9.90 17.04 1.70
CA ARG A 395 -9.76 17.75 2.97
CA ARG A 395 -9.78 17.75 3.00
C ARG A 395 -11.02 18.57 3.33
C ARG A 395 -11.08 18.53 3.33
N SER A 396 -11.66 19.23 2.35
CA SER A 396 -12.90 20.03 2.54
C SER A 396 -14.08 19.21 3.09
N ARG A 397 -14.06 17.88 2.93
CA ARG A 397 -15.14 17.02 3.41
C ARG A 397 -14.75 16.06 4.53
N ILE A 398 -13.53 16.18 5.07
CA ILE A 398 -13.04 15.25 6.09
C ILE A 398 -13.89 15.25 7.38
N LEU A 399 -14.37 16.43 7.82
CA LEU A 399 -15.22 16.49 9.04
C LEU A 399 -16.63 15.97 8.74
N ASP A 400 -17.12 16.18 7.49
CA ASP A 400 -18.42 15.60 7.07
C ASP A 400 -18.31 14.08 7.05
N PHE A 401 -17.16 13.57 6.55
CA PHE A 401 -16.88 12.13 6.49
C PHE A 401 -16.88 11.54 7.89
N ASP A 402 -16.15 12.19 8.81
CA ASP A 402 -16.06 11.74 10.20
C ASP A 402 -17.42 11.67 10.84
N ASP A 403 -18.26 12.70 10.62
CA ASP A 403 -19.61 12.78 11.19
C ASP A 403 -20.48 11.61 10.71
N GLY A 404 -20.48 11.31 9.41
CA GLY A 404 -21.32 10.24 8.91
C GLY A 404 -20.80 8.84 9.15
N VAL A 405 -19.45 8.69 9.12
CA VAL A 405 -18.83 7.37 9.26
C VAL A 405 -18.51 7.03 10.71
N PHE A 406 -17.65 7.80 11.39
CA PHE A 406 -17.24 7.44 12.75
C PHE A 406 -18.22 7.82 13.84
N LYS A 407 -18.94 8.95 13.67
CA LYS A 407 -19.91 9.42 14.66
C LYS A 407 -21.33 8.89 14.45
N ALA A 408 -21.66 8.35 13.26
CA ALA A 408 -23.02 7.84 13.01
C ALA A 408 -23.01 6.34 12.74
N LEU A 409 -22.44 5.93 11.60
CA LEU A 409 -22.39 4.54 11.19
C LEU A 409 -21.63 3.62 12.17
N LEU A 410 -20.43 4.03 12.61
CA LEU A 410 -19.57 3.17 13.43
C LEU A 410 -19.44 3.49 14.92
N LYS A 411 -20.19 4.46 15.44
CA LYS A 411 -20.09 4.89 16.85
C LYS A 411 -20.17 3.74 17.89
N ASP A 412 -21.02 2.73 17.66
CA ASP A 412 -21.21 1.60 18.57
C ASP A 412 -20.59 0.31 18.04
N ALA A 413 -19.84 0.41 16.94
CA ALA A 413 -19.17 -0.75 16.34
C ALA A 413 -17.89 -1.11 17.12
N ASN A 414 -17.55 -2.40 17.15
CA ASN A 414 -16.30 -2.87 17.75
C ASN A 414 -15.53 -3.78 16.77
N PRO A 415 -15.13 -3.30 15.57
CA PRO A 415 -14.38 -4.18 14.67
C PRO A 415 -12.97 -4.48 15.16
N ALA A 416 -12.47 -5.68 14.80
CA ALA A 416 -11.09 -6.04 15.09
C ALA A 416 -10.29 -5.34 13.98
N GLY A 417 -8.99 -5.20 14.18
CA GLY A 417 -8.13 -4.56 13.20
C GLY A 417 -7.84 -3.12 13.54
N ILE A 418 -7.53 -2.33 12.52
CA ILE A 418 -7.14 -0.96 12.72
C ILE A 418 -7.82 -0.07 11.70
N ILE A 419 -7.89 1.23 12.01
CA ILE A 419 -8.41 2.27 11.12
C ILE A 419 -7.34 3.34 11.06
N LEU A 420 -6.78 3.61 9.87
CA LEU A 420 -5.78 4.65 9.64
C LEU A 420 -6.44 5.88 9.04
N MET A 421 -5.93 7.06 9.41
CA MET A 421 -6.40 8.34 8.93
C MET A 421 -5.25 9.35 8.96
N TYR A 422 -4.81 9.80 7.78
CA TYR A 422 -3.76 10.81 7.74
C TYR A 422 -3.80 11.60 6.43
N PRO A 423 -3.34 12.86 6.44
CA PRO A 423 -3.36 13.62 5.21
C PRO A 423 -2.04 13.53 4.42
N MET A 424 -2.15 13.83 3.13
CA MET A 424 -1.04 13.88 2.19
C MET A 424 -1.16 15.15 1.33
N ASN A 425 -0.08 15.46 0.57
CA ASN A 425 0.03 16.65 -0.28
C ASN A 425 0.01 16.24 -1.75
N LYS A 426 -1.00 16.72 -2.51
CA LYS A 426 -1.19 16.47 -3.94
C LYS A 426 0.03 16.88 -4.76
N ASP A 427 0.74 17.96 -4.34
CA ASP A 427 1.92 18.50 -5.04
C ASP A 427 3.11 17.53 -5.09
N ARG A 428 3.05 16.42 -4.31
CA ARG A 428 4.13 15.42 -4.35
C ARG A 428 3.73 14.20 -5.22
N TRP A 429 2.51 14.21 -5.74
CA TRP A 429 2.00 13.16 -6.61
C TRP A 429 2.06 13.64 -8.05
N ASP A 430 2.42 12.78 -8.99
CA ASP A 430 2.46 13.13 -10.41
C ASP A 430 1.17 12.62 -11.03
N ASP A 431 0.24 13.54 -11.40
CA ASP A 431 -1.06 13.13 -11.93
C ASP A 431 -1.00 12.59 -13.37
N ARG A 432 0.20 12.58 -14.00
CA ARG A 432 0.37 11.94 -15.33
C ARG A 432 0.48 10.42 -15.10
N MET A 433 0.80 9.98 -13.84
CA MET A 433 0.85 8.55 -13.49
C MET A 433 -0.60 8.04 -13.37
N THR A 434 -0.79 6.72 -13.51
CA THR A 434 -2.12 6.09 -13.49
C THR A 434 -2.84 6.25 -12.13
N ALA A 435 -2.09 6.15 -11.02
CA ALA A 435 -2.66 6.28 -9.69
C ALA A 435 -3.57 7.52 -9.55
N MET A 436 -4.77 7.32 -8.97
CA MET A 436 -5.80 8.34 -8.80
C MET A 436 -5.82 8.98 -7.40
N THR A 437 -5.98 10.32 -7.37
CA THR A 437 -6.15 11.09 -6.13
C THR A 437 -7.46 11.91 -6.26
N PRO A 438 -8.05 12.42 -5.16
CA PRO A 438 -9.32 13.15 -5.31
C PRO A 438 -9.21 14.42 -6.15
N ALA A 439 -10.22 14.69 -6.99
CA ALA A 439 -10.26 15.93 -7.78
C ALA A 439 -11.13 16.97 -7.02
N THR A 440 -10.68 18.22 -6.93
CA THR A 440 -11.46 19.31 -6.28
C THR A 440 -11.54 20.54 -7.18
N ASP A 441 -12.67 21.28 -7.12
CA ASP A 441 -12.90 22.50 -7.90
C ASP A 441 -11.91 23.63 -7.56
N ASP A 442 -11.49 23.72 -6.27
CA ASP A 442 -10.56 24.74 -5.76
C ASP A 442 -9.08 24.32 -5.75
N ASP A 443 -8.75 23.13 -6.31
CA ASP A 443 -7.39 22.56 -6.36
C ASP A 443 -6.67 22.59 -5.00
N ASP A 444 -7.41 22.23 -3.93
CA ASP A 444 -6.89 22.12 -2.56
C ASP A 444 -5.70 21.12 -2.59
N ASN A 445 -4.57 21.48 -2.00
CA ASN A 445 -3.39 20.62 -2.01
C ASN A 445 -3.49 19.38 -1.06
N VAL A 446 -4.41 19.40 -0.08
CA VAL A 446 -4.50 18.35 0.94
C VAL A 446 -5.65 17.40 0.73
N PHE A 447 -5.38 16.11 0.90
CA PHE A 447 -6.41 15.07 0.88
C PHE A 447 -6.07 14.05 1.98
N TYR A 448 -7.05 13.28 2.47
CA TYR A 448 -6.81 12.28 3.52
C TYR A 448 -6.84 10.88 3.00
N ALA A 449 -6.03 10.00 3.58
CA ALA A 449 -6.13 8.57 3.30
C ALA A 449 -6.83 8.02 4.53
N VAL A 450 -7.94 7.33 4.33
CA VAL A 450 -8.72 6.67 5.39
C VAL A 450 -8.78 5.20 5.03
N SER A 451 -8.20 4.33 5.90
CA SER A 451 -8.10 2.89 5.64
C SER A 451 -8.84 2.11 6.70
N PHE A 452 -9.84 1.33 6.29
CA PHE A 452 -10.61 0.47 7.16
C PHE A 452 -9.96 -0.92 7.00
N LEU A 453 -9.00 -1.22 7.90
CA LEU A 453 -8.21 -2.46 7.88
C LEU A 453 -8.80 -3.40 8.92
N TRP A 454 -10.08 -3.68 8.76
CA TRP A 454 -10.74 -4.53 9.74
C TRP A 454 -10.66 -6.00 9.38
N SER A 455 -10.60 -6.83 10.40
CA SER A 455 -10.48 -8.26 10.18
C SER A 455 -11.65 -9.01 10.78
N ALA A 456 -12.00 -10.12 10.15
CA ALA A 456 -13.07 -10.99 10.56
C ALA A 456 -12.39 -12.15 11.35
N LEU A 457 -12.36 -12.06 12.70
CA LEU A 457 -11.73 -13.07 13.56
C LEU A 457 -12.39 -14.43 13.32
N SER A 458 -13.66 -14.39 12.90
CA SER A 458 -14.47 -15.50 12.44
C SER A 458 -14.94 -15.11 11.04
N ALA A 459 -14.91 -16.05 10.08
CA ALA A 459 -15.42 -15.81 8.71
C ALA A 459 -16.94 -15.45 8.71
N ASP A 460 -17.62 -15.60 9.86
CA ASP A 460 -19.03 -15.26 10.04
C ASP A 460 -19.19 -13.74 10.25
N ASP A 461 -18.11 -13.05 10.64
CA ASP A 461 -18.10 -11.59 10.81
C ASP A 461 -17.98 -10.86 9.45
N VAL A 462 -17.65 -11.57 8.35
CA VAL A 462 -17.46 -10.96 7.03
C VAL A 462 -18.68 -10.14 6.56
N PRO A 463 -19.93 -10.67 6.53
CA PRO A 463 -21.04 -9.87 6.00
C PRO A 463 -21.24 -8.52 6.68
N GLN A 464 -21.07 -8.44 8.01
CA GLN A 464 -21.23 -7.16 8.71
C GLN A 464 -20.19 -6.14 8.23
N LEU A 465 -18.92 -6.58 8.06
CA LEU A 465 -17.82 -5.72 7.61
C LEU A 465 -18.04 -5.25 6.20
N GLU A 466 -18.54 -6.15 5.32
CA GLU A 466 -18.81 -5.78 3.93
C GLU A 466 -19.99 -4.79 3.85
N ARG A 467 -20.98 -4.96 4.73
CA ARG A 467 -22.14 -4.06 4.82
C ARG A 467 -21.67 -2.68 5.26
N TRP A 468 -20.68 -2.60 6.19
CA TRP A 468 -20.13 -1.32 6.62
C TRP A 468 -19.38 -0.64 5.50
N ASN A 469 -18.58 -1.42 4.72
CA ASN A 469 -17.84 -0.93 3.55
C ASN A 469 -18.80 -0.28 2.57
N LYS A 470 -19.90 -0.98 2.23
CA LYS A 470 -20.88 -0.46 1.28
C LYS A 470 -21.61 0.78 1.85
N ALA A 471 -21.91 0.77 3.15
CA ALA A 471 -22.56 1.90 3.83
C ALA A 471 -21.66 3.14 3.78
N VAL A 472 -20.33 2.96 3.88
CA VAL A 472 -19.38 4.08 3.82
C VAL A 472 -19.46 4.70 2.42
N LEU A 473 -19.36 3.84 1.37
CA LEU A 473 -19.42 4.26 -0.04
C LEU A 473 -20.74 4.95 -0.39
N ASP A 474 -21.88 4.42 0.12
CA ASP A 474 -23.24 4.96 -0.07
C ASP A 474 -23.38 6.32 0.60
N PHE A 475 -22.84 6.46 1.82
CA PHE A 475 -22.83 7.73 2.57
C PHE A 475 -22.09 8.78 1.74
N CYS A 476 -20.93 8.43 1.15
CA CYS A 476 -20.16 9.37 0.33
C CYS A 476 -20.98 9.81 -0.87
N ASP A 477 -21.65 8.85 -1.55
CA ASP A 477 -22.48 9.14 -2.72
C ASP A 477 -23.62 10.10 -2.36
N ARG A 478 -24.38 9.81 -1.29
CA ARG A 478 -25.51 10.63 -0.82
C ARG A 478 -25.05 12.04 -0.42
N SER A 479 -23.87 12.14 0.17
CA SER A 479 -23.32 13.40 0.70
C SER A 479 -22.62 14.25 -0.32
N GLY A 480 -22.45 13.74 -1.53
CA GLY A 480 -21.71 14.42 -2.58
C GLY A 480 -20.20 14.44 -2.32
N ILE A 481 -19.69 13.53 -1.45
CA ILE A 481 -18.26 13.44 -1.11
C ILE A 481 -17.59 12.57 -2.17
N GLU A 482 -16.80 13.21 -3.03
CA GLU A 482 -16.17 12.55 -4.17
C GLU A 482 -14.83 11.96 -3.84
N CYS A 483 -14.88 10.77 -3.19
CA CYS A 483 -13.74 9.96 -2.80
C CYS A 483 -13.15 9.25 -3.99
N LYS A 484 -11.91 8.79 -3.82
CA LYS A 484 -11.26 7.90 -4.74
C LYS A 484 -10.89 6.71 -3.87
N GLN A 485 -11.23 5.52 -4.32
CA GLN A 485 -10.72 4.33 -3.63
C GLN A 485 -9.24 4.25 -3.92
N TYR A 486 -8.46 3.81 -2.93
CA TYR A 486 -7.04 3.50 -3.07
C TYR A 486 -7.04 1.96 -3.03
N LEU A 487 -6.16 1.28 -3.79
CA LEU A 487 -6.18 -0.21 -3.93
C LEU A 487 -7.61 -0.56 -4.39
N PRO A 488 -8.10 0.09 -5.47
CA PRO A 488 -9.52 -0.03 -5.83
C PRO A 488 -9.97 -1.39 -6.31
N HIS A 489 -11.26 -1.65 -6.16
CA HIS A 489 -11.84 -2.87 -6.70
C HIS A 489 -13.26 -2.63 -7.15
N TYR A 490 -13.48 -2.87 -8.43
CA TYR A 490 -14.78 -2.76 -9.08
C TYR A 490 -14.95 -4.00 -9.95
N THR A 491 -16.19 -4.47 -10.06
CA THR A 491 -16.51 -5.66 -10.84
C THR A 491 -17.24 -5.30 -12.14
N SER A 492 -17.31 -4.00 -12.47
CA SER A 492 -17.92 -3.52 -13.71
C SER A 492 -17.10 -2.36 -14.25
N GLN A 493 -17.06 -2.23 -15.59
CA GLN A 493 -16.32 -1.16 -16.27
C GLN A 493 -16.82 0.23 -15.91
N ASP A 494 -18.09 0.35 -15.51
CA ASP A 494 -18.69 1.62 -15.07
C ASP A 494 -17.95 2.15 -13.83
N GLY A 495 -17.67 1.27 -12.87
CA GLY A 495 -16.95 1.60 -11.64
C GLY A 495 -15.54 2.06 -11.93
N TRP A 496 -14.84 1.34 -12.83
CA TRP A 496 -13.49 1.68 -13.29
C TRP A 496 -13.45 2.99 -14.09
N ARG A 497 -14.46 3.24 -14.97
CA ARG A 497 -14.53 4.50 -15.73
C ARG A 497 -14.72 5.69 -14.78
N ARG A 498 -15.57 5.54 -13.73
CA ARG A 498 -15.75 6.60 -12.73
C ARG A 498 -14.44 6.78 -11.93
N HIS A 499 -13.77 5.67 -11.54
CA HIS A 499 -12.51 5.72 -10.79
C HIS A 499 -11.40 6.49 -11.56
N PHE A 500 -11.20 6.17 -12.86
CA PHE A 500 -10.12 6.79 -13.62
C PHE A 500 -10.46 8.18 -14.22
N GLY A 501 -11.74 8.50 -14.28
CA GLY A 501 -12.25 9.81 -14.74
C GLY A 501 -11.61 10.31 -16.02
N ALA A 502 -10.95 11.48 -15.94
CA ALA A 502 -10.28 12.14 -17.08
C ALA A 502 -9.18 11.30 -17.77
N LYS A 503 -8.58 10.33 -17.03
CA LYS A 503 -7.49 9.48 -17.49
C LYS A 503 -7.97 8.23 -18.21
N TRP A 504 -9.26 7.91 -18.11
CA TRP A 504 -9.80 6.68 -18.68
C TRP A 504 -9.47 6.45 -20.17
N SER A 505 -9.72 7.44 -21.05
CA SER A 505 -9.46 7.31 -22.51
C SER A 505 -8.00 6.98 -22.82
N ARG A 506 -7.06 7.65 -22.16
CA ARG A 506 -5.63 7.39 -22.33
C ARG A 506 -5.27 5.97 -21.80
N ILE A 507 -5.84 5.57 -20.65
CA ILE A 507 -5.63 4.23 -20.06
C ILE A 507 -6.11 3.13 -21.02
N ALA A 508 -7.30 3.28 -21.61
CA ALA A 508 -7.86 2.32 -22.58
C ALA A 508 -7.00 2.23 -23.85
N GLU A 509 -6.42 3.36 -24.29
CA GLU A 509 -5.54 3.43 -25.46
C GLU A 509 -4.20 2.69 -25.17
N LEU A 510 -3.59 2.97 -23.99
CA LEU A 510 -2.33 2.34 -23.57
C LEU A 510 -2.52 0.83 -23.34
N LYS A 511 -3.70 0.42 -22.86
CA LYS A 511 -4.05 -0.98 -22.67
C LYS A 511 -4.05 -1.71 -24.04
N ALA A 512 -4.73 -1.14 -25.04
CA ALA A 512 -4.84 -1.74 -26.39
C ALA A 512 -3.43 -1.89 -27.02
N ARG A 513 -2.53 -0.96 -26.73
CA ARG A 513 -1.16 -1.02 -27.21
C ARG A 513 -0.31 -2.06 -26.46
N TYR A 514 -0.30 -1.98 -25.11
CA TYR A 514 0.61 -2.81 -24.31
C TYR A 514 0.09 -4.21 -23.91
N ASP A 515 -1.22 -4.41 -23.81
CA ASP A 515 -1.78 -5.73 -23.51
C ASP A 515 -3.02 -5.90 -24.42
N PRO A 516 -2.83 -5.96 -25.77
CA PRO A 516 -3.99 -6.02 -26.69
C PRO A 516 -4.95 -7.18 -26.47
N ARG A 517 -4.45 -8.30 -25.95
CA ARG A 517 -5.30 -9.46 -25.72
C ARG A 517 -5.88 -9.50 -24.28
N ALA A 518 -5.64 -8.43 -23.45
CA ALA A 518 -6.10 -8.35 -22.05
C ALA A 518 -5.78 -9.62 -21.22
N LEU A 519 -4.52 -10.07 -21.31
CA LEU A 519 -4.03 -11.26 -20.62
C LEU A 519 -3.63 -10.97 -19.18
N LEU A 520 -3.04 -9.78 -18.93
CA LEU A 520 -2.40 -9.44 -17.65
C LEU A 520 -3.32 -9.08 -16.51
N SER A 521 -2.97 -9.60 -15.30
CA SER A 521 -3.69 -9.42 -14.03
C SER A 521 -5.20 -9.28 -14.23
N PRO A 522 -5.89 -10.30 -14.82
CA PRO A 522 -7.34 -10.16 -15.07
C PRO A 522 -8.21 -10.04 -13.82
N GLY A 523 -7.67 -10.41 -12.65
CA GLY A 523 -8.38 -10.32 -11.38
C GLY A 523 -8.68 -8.88 -10.96
N GLN A 524 -8.05 -7.89 -11.62
CA GLN A 524 -8.33 -6.46 -11.42
C GLN A 524 -9.74 -6.11 -11.98
N ARG A 525 -10.24 -6.90 -12.97
CA ARG A 525 -11.57 -6.80 -13.58
C ARG A 525 -11.80 -5.44 -14.29
N ILE A 526 -10.74 -4.87 -14.85
CA ILE A 526 -10.86 -3.57 -15.52
C ILE A 526 -11.22 -3.80 -16.99
N PHE A 527 -10.56 -4.76 -17.65
CA PHE A 527 -10.78 -4.97 -19.07
C PHE A 527 -11.32 -6.35 -19.47
N PRO A 528 -12.45 -6.41 -20.20
CA PRO A 528 -12.93 -7.73 -20.69
C PRO A 528 -11.99 -8.24 -21.80
N VAL A 529 -11.84 -9.57 -21.91
CA VAL A 529 -10.95 -10.20 -22.91
C VAL A 529 -11.52 -10.05 -24.35
N PRO A 530 -10.75 -9.46 -25.30
CA PRO A 530 -11.25 -9.31 -26.67
C PRO A 530 -11.01 -10.53 -27.54
#